data_3EQ0
#
_entry.id   3EQ0
#
_cell.length_a   70.1
_cell.length_b   71.4
_cell.length_c   72.4
_cell.angle_alpha   90.00
_cell.angle_beta   100.4
_cell.angle_gamma   90.00
#
_symmetry.space_group_name_H-M   'C 1 2 1'
#
loop_
_entity.id
_entity.type
_entity.pdbx_description
1 polymer 'Thrombin Light Chain'
2 polymer 'Thrombin Heavy Chain'
3 polymer 'Hirudin variant-1'
4 non-polymer (2S)-N-[[2-(aminomethyl)-5-chloro-phenyl]methyl]-1-[(2R)-5-carbamimidamido-2-(phenylmethylsulfonylamino)pentanoyl]pyrrolidine-2-carboxamide
5 non-polymer 'SODIUM ION'
6 water water
#
loop_
_entity_poly.entity_id
_entity_poly.type
_entity_poly.pdbx_seq_one_letter_code
_entity_poly.pdbx_strand_id
1 'polypeptide(L)' TFGSGEADCGLRPLFEKKSLEDKTERELLESYIDGR L
2 'polypeptide(L)'
;IVEGSDAEIGMSPWQVMLFRKSPQELLCGASLISDRWVLTAAHCLLYPPWDKNFTENDLLVRIGKHSRTRYERNIEKISM
LEKIYIHPRYNWRENLDRDIALMKLKKPVAFSDYIHPVCLPDRETAASLLQAGYKGRVTGWGNLKETWTANVGKGQPSVL
QVVNLPIVERPVCKDSTRIRITDNMFCAGYKPDEGKRGDACEGDSGGPFVMKSPFNNRWYQMGIVSWGEGCDRDGKYGFY
THVFRLKKWIQKVIDQFGE
;
H
3 'polypeptide(L)' GDFEEIPEE(TYS)L I
#
# COMPACT_ATOMS: atom_id res chain seq x y z
N ALA A 7 -7.70 -19.66 -4.43
CA ALA A 7 -6.43 -18.96 -4.63
C ALA A 7 -6.36 -18.36 -6.04
N ASP A 8 -7.02 -17.21 -6.19
CA ASP A 8 -7.00 -16.40 -7.39
C ASP A 8 -6.38 -15.03 -7.15
N CYS A 9 -5.83 -14.93 -5.93
CA CYS A 9 -5.17 -13.69 -5.52
C CYS A 9 -4.12 -13.31 -6.56
N GLY A 10 -3.96 -12.00 -6.74
CA GLY A 10 -2.86 -11.43 -7.44
C GLY A 10 -2.89 -11.53 -8.95
N LEU A 11 -4.00 -11.98 -9.52
CA LEU A 11 -4.28 -12.10 -10.93
C LEU A 11 -5.34 -11.06 -11.26
N ARG A 12 -4.88 -10.03 -11.97
CA ARG A 12 -5.87 -8.96 -12.19
C ARG A 12 -6.81 -9.25 -13.35
N PRO A 13 -8.10 -9.03 -13.16
CA PRO A 13 -9.05 -9.24 -14.27
C PRO A 13 -8.69 -8.56 -15.57
N LEU A 14 -8.16 -7.34 -15.57
CA LEU A 14 -8.00 -6.58 -16.80
C LEU A 14 -6.58 -6.73 -17.34
N PHE A 15 -5.72 -7.53 -16.69
CA PHE A 15 -4.35 -7.75 -17.09
C PHE A 15 -4.03 -9.24 -17.13
N GLU A 16 -3.51 -9.85 -16.08
CA GLU A 16 -3.16 -11.27 -16.12
C GLU A 16 -4.30 -12.16 -16.62
N LYS A 17 -5.54 -11.88 -16.23
CA LYS A 17 -6.65 -12.78 -16.57
C LYS A 17 -6.91 -12.78 -18.07
N LYS A 18 -6.54 -11.72 -18.74
CA LYS A 18 -6.73 -11.52 -20.15
C LYS A 18 -5.39 -11.64 -20.90
N SER A 19 -4.32 -12.05 -20.26
CA SER A 19 -2.97 -12.02 -20.81
C SER A 19 -2.59 -10.69 -21.44
N LEU A 20 -2.95 -9.57 -20.78
CA LEU A 20 -2.49 -8.24 -21.12
C LEU A 20 -1.52 -7.71 -20.08
N GLU A 21 -0.48 -7.03 -20.53
CA GLU A 21 0.52 -6.46 -19.65
C GLU A 21 0.24 -4.97 -19.49
N ASP A 22 0.51 -4.47 -18.29
CA ASP A 22 0.46 -3.02 -18.07
C ASP A 22 1.75 -2.37 -18.59
N LYS A 23 1.72 -1.02 -18.65
CA LYS A 23 2.80 -0.35 -19.36
C LYS A 23 4.14 -0.43 -18.67
N THR A 24 4.22 -0.72 -17.36
CA THR A 24 5.56 -0.71 -16.79
C THR A 24 5.87 -1.97 -15.98
N GLU A 25 5.04 -3.01 -16.01
CA GLU A 25 5.35 -4.25 -15.27
C GLU A 25 6.69 -4.84 -15.74
N ARG A 26 7.07 -4.65 -17.01
CA ARG A 26 8.31 -5.23 -17.46
C ARG A 26 9.54 -4.58 -16.84
N GLU A 27 9.49 -3.32 -16.42
CA GLU A 27 10.57 -2.74 -15.60
C GLU A 27 10.83 -3.59 -14.37
N LEU A 28 9.75 -4.06 -13.72
CA LEU A 28 9.97 -4.93 -12.57
C LEU A 28 10.60 -6.26 -12.96
N LEU A 29 10.06 -6.93 -13.99
CA LEU A 29 10.63 -8.20 -14.40
C LEU A 29 12.12 -8.06 -14.72
N GLU A 30 12.47 -7.00 -15.45
CA GLU A 30 13.85 -6.80 -15.83
C GLU A 30 14.75 -6.54 -14.65
N SER A 31 14.24 -6.15 -13.48
CA SER A 31 15.11 -6.01 -12.31
C SER A 31 15.31 -7.29 -11.54
N TYR A 32 14.53 -8.35 -11.86
CA TYR A 32 14.61 -9.59 -11.10
C TYR A 32 15.67 -10.51 -11.70
N ILE A 33 16.90 -10.18 -11.40
CA ILE A 33 18.14 -10.51 -12.09
C ILE A 33 19.02 -11.49 -11.35
N ILE B 1 2.08 10.20 -3.91
CA ILE B 1 3.14 9.65 -4.73
C ILE B 1 3.87 10.74 -5.51
N VAL B 2 5.17 10.79 -5.35
CA VAL B 2 6.03 11.78 -5.99
C VAL B 2 6.75 11.17 -7.18
N GLU B 3 6.60 11.86 -8.31
CA GLU B 3 7.31 11.44 -9.52
C GLU B 3 6.81 10.10 -10.04
N GLY B 4 5.53 9.81 -9.79
CA GLY B 4 4.92 8.67 -10.42
C GLY B 4 4.11 9.01 -11.66
N SER B 5 3.15 8.14 -11.97
CA SER B 5 2.30 8.41 -13.13
C SER B 5 0.89 7.98 -12.82
N ASP B 6 -0.08 8.35 -13.66
CA ASP B 6 -1.45 7.96 -13.44
C ASP B 6 -1.53 6.45 -13.67
N ALA B 7 -2.23 5.78 -12.76
CA ALA B 7 -2.46 4.36 -12.95
C ALA B 7 -3.31 4.10 -14.17
N GLU B 8 -3.11 2.97 -14.81
CA GLU B 8 -4.09 2.41 -15.74
C GLU B 8 -5.33 1.91 -15.03
N ILE B 9 -6.49 1.89 -15.71
CA ILE B 9 -7.71 1.31 -15.15
C ILE B 9 -7.48 -0.16 -14.79
N GLY B 10 -7.85 -0.58 -13.59
CA GLY B 10 -7.67 -1.94 -13.14
C GLY B 10 -6.24 -2.38 -12.89
N MET B 11 -5.27 -1.49 -12.80
CA MET B 11 -3.88 -1.85 -12.61
C MET B 11 -3.56 -2.32 -11.18
N SER B 12 -4.33 -1.84 -10.24
CA SER B 12 -4.18 -2.11 -8.81
CA SER B 12 -4.17 -2.14 -8.83
C SER B 12 -5.51 -2.37 -8.14
N PRO B 13 -6.16 -3.49 -8.50
CA PRO B 13 -7.55 -3.71 -8.11
C PRO B 13 -7.67 -4.05 -6.65
N TRP B 14 -6.52 -4.24 -5.95
CA TRP B 14 -6.48 -4.40 -4.52
C TRP B 14 -6.34 -3.07 -3.78
N GLN B 15 -6.16 -1.94 -4.44
CA GLN B 15 -5.94 -0.64 -3.80
C GLN B 15 -7.19 -0.24 -3.04
N VAL B 16 -7.03 0.18 -1.78
CA VAL B 16 -8.14 0.55 -0.93
C VAL B 16 -7.90 1.98 -0.46
N MET B 17 -8.96 2.80 -0.38
CA MET B 17 -8.85 4.13 0.18
C MET B 17 -9.49 4.12 1.57
N LEU B 18 -8.75 4.44 2.61
CA LEU B 18 -9.31 4.68 3.93
C LEU B 18 -9.90 6.08 3.95
N PHE B 19 -11.21 6.13 4.23
CA PHE B 19 -11.94 7.40 4.13
C PHE B 19 -12.54 7.87 5.44
N ARG B 20 -12.27 9.16 5.68
CA ARG B 20 -12.85 9.72 6.91
C ARG B 20 -14.32 10.12 6.67
N LYS B 21 -15.22 9.77 7.59
CA LYS B 21 -16.67 9.95 7.48
C LYS B 21 -17.05 11.41 7.72
N SER B 22 -16.30 12.11 8.57
CA SER B 22 -16.56 13.52 8.91
C SER B 22 -15.38 14.15 9.62
N PRO B 23 -14.68 15.13 9.04
CA PRO B 23 -14.85 15.69 7.72
C PRO B 23 -14.51 14.69 6.61
N GLN B 24 -15.32 14.63 5.57
CA GLN B 24 -15.05 13.66 4.51
C GLN B 24 -13.68 13.95 3.91
N GLU B 25 -12.76 13.01 4.09
CA GLU B 25 -11.48 13.17 3.45
C GLU B 25 -10.67 11.86 3.40
N LEU B 26 -9.64 11.88 2.57
CA LEU B 26 -8.66 10.81 2.52
C LEU B 26 -7.89 10.73 3.83
N LEU B 27 -7.84 9.51 4.37
CA LEU B 27 -6.97 9.30 5.53
C LEU B 27 -5.68 8.66 5.08
N CYS B 28 -5.83 7.59 4.32
CA CYS B 28 -4.69 6.70 4.06
C CYS B 28 -5.01 5.77 2.88
N GLY B 29 -3.99 5.07 2.45
CA GLY B 29 -4.14 3.88 1.62
C GLY B 29 -4.25 2.63 2.45
N ALA B 30 -4.54 1.52 1.74
CA ALA B 30 -4.75 0.20 2.27
C ALA B 30 -4.85 -0.80 1.12
N SER B 31 -4.97 -2.06 1.44
CA SER B 31 -5.08 -3.07 0.40
C SER B 31 -6.05 -4.18 0.80
N LEU B 32 -6.69 -4.70 -0.25
CA LEU B 32 -7.58 -5.84 -0.12
C LEU B 32 -6.90 -7.19 -0.18
N ILE B 33 -7.05 -7.96 0.87
CA ILE B 33 -6.35 -9.25 0.92
C ILE B 33 -7.31 -10.43 0.89
N SER B 34 -8.60 -10.16 1.01
CA SER B 34 -9.65 -11.17 0.97
CA SER B 34 -9.64 -11.17 0.82
C SER B 34 -10.97 -10.44 0.71
N ASP B 35 -12.09 -11.17 0.60
CA ASP B 35 -13.34 -10.46 0.40
C ASP B 35 -13.80 -9.69 1.64
N ARG B 36 -13.15 -9.90 2.77
CA ARG B 36 -13.55 -9.31 4.04
C ARG B 36 -12.42 -8.66 4.83
N TRP B 37 -11.19 -8.73 4.32
CA TRP B 37 -10.08 -8.21 5.13
C TRP B 37 -9.23 -7.24 4.33
N VAL B 38 -8.87 -6.16 4.99
CA VAL B 38 -8.13 -5.02 4.48
C VAL B 38 -6.92 -4.78 5.38
N LEU B 39 -5.79 -4.57 4.75
CA LEU B 39 -4.49 -4.41 5.40
C LEU B 39 -4.05 -2.96 5.28
N THR B 40 -3.52 -2.36 6.35
CA THR B 40 -3.00 -0.97 6.29
C THR B 40 -1.85 -0.75 7.29
N ALA B 41 -1.29 0.41 7.49
CA ALA B 41 -0.35 0.90 8.46
C ALA B 41 -1.10 1.15 9.78
N ALA B 42 -0.54 0.71 10.87
CA ALA B 42 -1.11 1.01 12.18
C ALA B 42 -1.18 2.52 12.39
N HIS B 43 -0.22 3.30 11.90
CA HIS B 43 -0.15 4.72 12.17
C HIS B 43 -1.34 5.39 11.48
N CYS B 44 -2.01 4.71 10.55
CA CYS B 44 -3.19 5.26 9.93
C CYS B 44 -4.36 5.38 10.91
N LEU B 45 -4.33 4.52 11.90
CA LEU B 45 -5.43 4.41 12.85
C LEU B 45 -5.00 4.94 14.21
N LEU B 46 -3.73 4.74 14.57
CA LEU B 46 -3.25 5.08 15.91
C LEU B 46 -1.91 5.73 15.83
N TYR B 47 -1.89 7.03 16.17
CA TYR B 47 -0.64 7.76 16.21
C TYR B 47 -0.75 8.90 17.22
N PRO B 48 -0.57 8.54 18.50
CA PRO B 48 -0.72 9.54 19.58
C PRO B 48 0.10 10.79 19.44
N PRO B 49 1.31 10.86 18.92
CA PRO B 49 1.98 12.16 18.74
C PRO B 49 1.20 13.20 17.97
N TRP B 50 0.25 12.73 17.16
CA TRP B 50 -0.63 13.62 16.42
C TRP B 50 -2.07 13.48 16.82
N ASP B 51 -2.37 12.89 17.96
CA ASP B 51 -3.73 12.77 18.50
C ASP B 51 -4.63 12.05 17.50
N LYS B 52 -4.00 11.10 16.81
CA LYS B 52 -4.76 10.19 15.97
C LYS B 52 -5.04 8.88 16.69
N ASN B 53 -6.30 8.48 16.73
CA ASN B 53 -6.90 7.33 17.32
C ASN B 53 -8.30 7.17 16.72
N PHE B 54 -8.35 6.46 15.59
CA PHE B 54 -9.63 6.31 14.91
C PHE B 54 -10.27 5.00 15.38
N THR B 55 -11.59 5.05 15.45
CA THR B 55 -12.45 3.93 15.82
C THR B 55 -13.16 3.46 14.55
N GLU B 56 -13.69 2.26 14.55
CA GLU B 56 -14.41 1.68 13.44
C GLU B 56 -15.41 2.67 12.86
N ASN B 57 -16.17 3.36 13.70
CA ASN B 57 -17.26 4.22 13.23
C ASN B 57 -16.83 5.52 12.60
N ASP B 58 -15.53 5.85 12.72
CA ASP B 58 -15.04 7.10 12.16
C ASP B 58 -14.75 6.99 10.67
N LEU B 59 -14.71 5.74 10.22
CA LEU B 59 -14.15 5.39 8.93
C LEU B 59 -15.04 4.52 8.03
N LEU B 60 -14.70 4.62 6.75
CA LEU B 60 -15.15 3.84 5.62
C LEU B 60 -13.96 3.34 4.76
N VAL B 61 -14.16 2.20 4.12
CA VAL B 61 -13.28 1.61 3.11
C VAL B 61 -13.91 1.78 1.74
N ARG B 62 -13.19 2.43 0.82
CA ARG B 62 -13.57 2.65 -0.56
C ARG B 62 -12.66 1.80 -1.50
N ILE B 63 -13.25 0.79 -2.13
CA ILE B 63 -12.58 -0.24 -2.93
C ILE B 63 -12.99 -0.15 -4.39
N GLY B 64 -12.08 -0.37 -5.33
CA GLY B 64 -12.26 -0.24 -6.76
C GLY B 64 -12.06 1.13 -7.34
N LYS B 65 -11.46 2.07 -6.62
CA LYS B 65 -11.39 3.45 -7.04
C LYS B 65 -10.21 3.71 -7.97
N HIS B 66 -10.32 4.79 -8.71
CA HIS B 66 -9.35 5.41 -9.59
C HIS B 66 -9.24 6.90 -9.30
N SER B 67 -10.34 7.64 -9.47
CA SER B 67 -10.35 9.08 -9.16
CA SER B 67 -10.26 9.07 -9.18
C SER B 67 -10.12 9.30 -7.68
N ARG B 68 -9.37 10.30 -7.29
CA ARG B 68 -9.21 10.58 -5.85
C ARG B 68 -10.52 11.07 -5.24
N THR B 69 -11.11 12.11 -5.86
CA THR B 69 -12.21 12.81 -5.20
C THR B 69 -13.60 12.39 -5.61
N ARG B 70 -13.77 11.86 -6.82
CA ARG B 70 -15.12 11.56 -7.28
C ARG B 70 -15.77 10.33 -6.68
N TYR B 71 -17.10 10.36 -6.61
CA TYR B 71 -17.84 9.15 -6.32
C TYR B 71 -17.99 8.36 -7.64
N GLU B 72 -17.35 7.22 -7.76
CA GLU B 72 -17.28 6.36 -8.96
C GLU B 72 -18.38 5.34 -8.96
N ARG B 73 -19.54 5.97 -9.27
CA ARG B 73 -20.77 5.23 -9.40
C ARG B 73 -20.70 4.00 -10.28
N ASN B 74 -21.21 2.89 -9.77
CA ASN B 74 -21.27 1.61 -10.41
C ASN B 74 -19.91 0.93 -10.52
N ILE B 75 -18.90 1.48 -9.88
CA ILE B 75 -17.54 0.91 -9.99
C ILE B 75 -16.97 0.73 -8.59
N GLU B 76 -16.81 1.80 -7.83
CA GLU B 76 -16.34 1.57 -6.44
C GLU B 76 -17.47 1.00 -5.60
N LYS B 77 -17.00 0.41 -4.51
CA LYS B 77 -17.82 -0.11 -3.45
C LYS B 77 -17.32 0.43 -2.11
N ILE B 78 -18.25 0.83 -1.25
CA ILE B 78 -17.95 1.49 0.01
C ILE B 78 -18.37 0.58 1.15
N SER B 79 -17.41 0.27 2.04
CA SER B 79 -17.64 -0.75 3.02
C SER B 79 -17.47 -0.14 4.43
N MET B 80 -18.21 -0.69 5.39
CA MET B 80 -18.06 -0.25 6.78
C MET B 80 -17.17 -1.23 7.50
N LEU B 81 -16.50 -0.72 8.55
CA LEU B 81 -15.65 -1.62 9.31
C LEU B 81 -16.37 -2.27 10.47
N GLU B 82 -16.16 -3.56 10.60
CA GLU B 82 -16.64 -4.37 11.70
C GLU B 82 -15.63 -4.28 12.85
N LYS B 83 -14.33 -4.41 12.53
CA LYS B 83 -13.36 -4.36 13.61
C LYS B 83 -11.96 -4.01 13.12
N ILE B 84 -11.21 -3.33 13.96
CA ILE B 84 -9.81 -2.95 13.70
C ILE B 84 -8.91 -3.74 14.62
N TYR B 85 -7.80 -4.30 14.10
CA TYR B 85 -6.78 -5.00 14.81
C TYR B 85 -5.41 -4.36 14.57
N ILE B 86 -4.79 -3.79 15.60
CA ILE B 86 -3.45 -3.23 15.46
C ILE B 86 -2.43 -4.18 16.05
N HIS B 87 -1.25 -4.35 15.45
CA HIS B 87 -0.22 -5.21 16.07
C HIS B 87 0.04 -4.83 17.54
N PRO B 88 0.03 -5.78 18.46
CA PRO B 88 0.20 -5.41 19.89
C PRO B 88 1.51 -4.83 20.37
N ARG B 89 2.63 -5.01 19.77
CA ARG B 89 3.98 -4.52 19.68
C ARG B 89 4.23 -3.46 18.59
N TYR B 90 3.22 -2.84 17.97
CA TYR B 90 3.45 -1.64 17.17
C TYR B 90 4.11 -0.52 17.99
N ASN B 91 5.24 -0.01 17.53
CA ASN B 91 6.11 0.95 18.20
C ASN B 91 6.00 2.36 17.61
N TRP B 92 4.92 3.03 18.06
CA TRP B 92 4.64 4.40 17.65
C TRP B 92 5.56 5.37 18.40
N ARG B 93 6.03 4.94 19.57
CA ARG B 93 6.85 5.89 20.34
C ARG B 93 8.22 6.17 19.76
N GLU B 94 8.81 5.15 19.15
CA GLU B 94 10.17 5.22 18.65
C GLU B 94 10.29 5.36 17.14
N ASN B 95 9.98 4.27 16.41
CA ASN B 95 10.36 4.17 15.02
C ASN B 95 9.33 3.54 14.11
N LEU B 96 8.11 3.42 14.56
CA LEU B 96 7.05 2.74 13.83
C LEU B 96 7.34 1.30 13.49
N ASP B 97 8.16 0.61 14.29
CA ASP B 97 8.32 -0.82 14.08
C ASP B 97 6.99 -1.55 14.19
N ARG B 98 6.78 -2.55 13.33
CA ARG B 98 5.57 -3.34 13.24
C ARG B 98 4.35 -2.46 12.98
N ASP B 99 4.52 -1.60 12.00
CA ASP B 99 3.51 -0.64 11.54
C ASP B 99 2.49 -1.33 10.62
N ILE B 100 1.56 -2.03 11.22
CA ILE B 100 0.60 -2.87 10.53
C ILE B 100 -0.71 -2.96 11.30
N ALA B 101 -1.81 -3.00 10.57
CA ALA B 101 -3.14 -3.20 11.11
C ALA B 101 -3.99 -3.94 10.07
N LEU B 102 -4.92 -4.72 10.56
CA LEU B 102 -6.00 -5.36 9.80
C LEU B 102 -7.36 -4.74 10.13
N MET B 103 -8.20 -4.71 9.11
CA MET B 103 -9.56 -4.19 9.18
C MET B 103 -10.49 -5.28 8.65
N LYS B 104 -11.46 -5.65 9.47
CA LYS B 104 -12.44 -6.67 9.09
C LYS B 104 -13.68 -5.91 8.61
N LEU B 105 -14.18 -6.26 7.43
CA LEU B 105 -15.34 -5.55 6.91
C LEU B 105 -16.65 -6.19 7.44
N LYS B 106 -17.66 -5.34 7.52
CA LYS B 106 -18.98 -5.75 7.97
C LYS B 106 -19.56 -6.86 7.08
N LYS B 107 -19.42 -6.66 5.78
CA LYS B 107 -19.88 -7.58 4.77
C LYS B 107 -18.79 -7.86 3.72
N PRO B 108 -18.75 -9.08 3.23
CA PRO B 108 -17.81 -9.40 2.12
C PRO B 108 -18.03 -8.45 0.97
N VAL B 109 -16.95 -8.15 0.25
CA VAL B 109 -17.09 -7.25 -0.89
C VAL B 109 -17.15 -8.08 -2.17
N ALA B 110 -17.93 -7.60 -3.15
CA ALA B 110 -18.03 -8.29 -4.42
C ALA B 110 -16.83 -8.06 -5.31
N PHE B 111 -16.20 -9.12 -5.81
CA PHE B 111 -15.05 -8.88 -6.70
C PHE B 111 -15.58 -8.47 -8.07
N SER B 112 -14.77 -7.76 -8.83
CA SER B 112 -15.13 -7.17 -10.12
C SER B 112 -13.87 -6.96 -10.95
N ASP B 113 -13.97 -6.40 -12.15
CA ASP B 113 -12.79 -6.04 -12.93
C ASP B 113 -11.89 -5.07 -12.17
N TYR B 114 -12.47 -4.33 -11.20
CA TYR B 114 -11.75 -3.23 -10.58
C TYR B 114 -11.45 -3.54 -9.11
N ILE B 115 -11.91 -4.66 -8.61
CA ILE B 115 -11.84 -5.11 -7.22
C ILE B 115 -11.41 -6.55 -7.13
N HIS B 116 -10.17 -6.76 -6.63
CA HIS B 116 -9.58 -8.08 -6.61
C HIS B 116 -8.45 -8.09 -5.57
N PRO B 117 -8.34 -9.12 -4.79
CA PRO B 117 -7.29 -9.14 -3.76
C PRO B 117 -5.91 -9.45 -4.30
N VAL B 118 -4.94 -8.94 -3.57
CA VAL B 118 -3.53 -9.20 -3.77
C VAL B 118 -3.10 -10.38 -2.93
N CYS B 119 -2.04 -11.09 -3.32
CA CYS B 119 -1.46 -12.18 -2.55
C CYS B 119 -0.53 -11.69 -1.42
N LEU B 120 -0.50 -12.46 -0.35
CA LEU B 120 0.55 -12.15 0.65
C LEU B 120 1.64 -13.18 0.52
N PRO B 121 2.89 -12.75 0.70
CA PRO B 121 4.02 -13.62 0.46
C PRO B 121 4.14 -14.73 1.49
N ASP B 122 4.59 -15.84 0.93
CA ASP B 122 5.09 -16.91 1.79
C ASP B 122 6.58 -16.72 1.90
N ARG B 123 7.25 -17.51 2.76
CA ARG B 123 8.67 -17.36 3.01
C ARG B 123 9.52 -17.45 1.74
N GLU B 124 9.23 -18.36 0.82
CA GLU B 124 10.06 -18.55 -0.36
C GLU B 124 9.92 -17.37 -1.34
N THR B 125 8.69 -16.85 -1.42
CA THR B 125 8.48 -15.68 -2.28
C THR B 125 9.22 -14.49 -1.69
N ALA B 126 9.16 -14.27 -0.39
CA ALA B 126 9.92 -13.24 0.29
C ALA B 126 11.41 -13.35 0.05
N ALA B 127 11.92 -14.58 0.19
CA ALA B 127 13.35 -14.73 0.00
C ALA B 127 13.78 -14.49 -1.44
N SER B 128 12.96 -14.94 -2.39
CA SER B 128 13.27 -14.72 -3.80
C SER B 128 13.28 -13.27 -4.21
N LEU B 129 12.28 -12.50 -3.79
CA LEU B 129 12.02 -11.19 -4.33
C LEU B 129 12.56 -10.04 -3.48
N LEU B 130 12.71 -10.27 -2.17
CA LEU B 130 13.21 -9.17 -1.35
C LEU B 130 14.72 -9.04 -1.37
N GLN B 131 15.21 -8.54 -2.48
CA GLN B 131 16.63 -8.43 -2.73
C GLN B 131 16.93 -7.06 -3.31
N ALA B 132 18.10 -6.57 -2.86
CA ALA B 132 18.54 -5.26 -3.29
C ALA B 132 18.61 -5.18 -4.80
N GLY B 133 18.06 -4.10 -5.33
CA GLY B 133 17.96 -3.81 -6.73
C GLY B 133 16.65 -4.26 -7.36
N TYR B 134 15.98 -5.24 -6.76
CA TYR B 134 14.69 -5.71 -7.29
C TYR B 134 13.67 -4.60 -7.06
N LYS B 135 12.90 -4.31 -8.09
CA LYS B 135 11.88 -3.26 -7.99
C LYS B 135 10.50 -3.75 -7.60
N GLY B 136 9.79 -2.93 -6.83
CA GLY B 136 8.39 -3.08 -6.47
C GLY B 136 7.65 -1.85 -6.97
N ARG B 137 6.35 -1.86 -6.69
CA ARG B 137 5.47 -0.81 -7.15
C ARG B 137 4.66 -0.28 -5.96
N VAL B 138 4.59 1.07 -5.81
CA VAL B 138 3.71 1.54 -4.72
C VAL B 138 2.72 2.51 -5.39
N THR B 139 1.52 2.52 -4.86
CA THR B 139 0.37 3.23 -5.39
C THR B 139 -0.31 4.01 -4.31
N GLY B 140 -0.90 5.17 -4.67
CA GLY B 140 -1.59 5.96 -3.67
C GLY B 140 -2.20 7.25 -4.25
N TRP B 141 -3.03 7.82 -3.40
CA TRP B 141 -3.68 9.09 -3.69
C TRP B 141 -3.07 10.20 -2.85
N GLY B 142 -1.89 9.99 -2.33
CA GLY B 142 -1.22 10.98 -1.51
C GLY B 142 -0.60 12.13 -2.27
N ASN B 143 0.03 13.01 -1.47
CA ASN B 143 0.61 14.20 -2.09
C ASN B 143 1.61 13.93 -3.19
N LEU B 144 1.54 14.81 -4.21
CA LEU B 144 2.46 14.72 -5.31
C LEU B 144 3.82 15.32 -4.98
N LYS B 145 3.92 16.02 -3.85
CA LYS B 145 5.21 16.60 -3.49
C LYS B 145 5.21 16.89 -1.99
N GLU B 146 6.39 17.04 -1.44
CA GLU B 146 6.50 17.29 -0.01
C GLU B 146 5.83 18.62 0.36
N GLN B 156 -1.98 17.30 -4.76
CA GLN B 156 -3.11 16.38 -4.79
C GLN B 156 -3.47 15.89 -6.18
N PRO B 157 -3.35 14.57 -6.42
CA PRO B 157 -3.67 13.99 -7.74
C PRO B 157 -5.15 13.85 -8.02
N SER B 158 -5.54 13.94 -9.29
CA SER B 158 -6.88 13.66 -9.74
C SER B 158 -7.17 12.16 -9.68
N VAL B 159 -6.16 11.33 -10.00
CA VAL B 159 -6.34 9.88 -10.01
C VAL B 159 -5.16 9.18 -9.34
N LEU B 160 -5.45 7.92 -9.05
CA LEU B 160 -4.49 7.02 -8.40
C LEU B 160 -3.15 7.08 -9.07
N GLN B 161 -2.07 7.20 -8.28
CA GLN B 161 -0.73 7.30 -8.86
C GLN B 161 0.09 6.02 -8.61
N VAL B 162 1.02 5.78 -9.51
CA VAL B 162 1.87 4.58 -9.48
C VAL B 162 3.33 4.92 -9.58
N VAL B 163 4.23 4.31 -8.82
CA VAL B 163 5.66 4.49 -9.06
C VAL B 163 6.41 3.18 -8.84
N ASN B 164 7.39 2.83 -9.67
CA ASN B 164 8.19 1.64 -9.43
C ASN B 164 9.51 2.05 -8.77
N LEU B 165 9.90 1.38 -7.68
CA LEU B 165 11.11 1.71 -6.97
C LEU B 165 11.92 0.50 -6.58
N PRO B 166 13.26 0.58 -6.64
CA PRO B 166 14.14 -0.51 -6.27
C PRO B 166 14.34 -0.66 -4.77
N ILE B 167 14.39 -1.88 -4.29
CA ILE B 167 14.70 -2.23 -2.91
C ILE B 167 16.17 -1.81 -2.67
N VAL B 168 16.45 -1.23 -1.54
CA VAL B 168 17.79 -0.75 -1.18
C VAL B 168 18.42 -1.64 -0.14
N GLU B 169 19.77 -1.76 -0.30
CA GLU B 169 20.57 -2.53 0.63
C GLU B 169 20.44 -2.04 2.07
N ARG B 170 20.33 -2.98 2.99
CA ARG B 170 20.11 -2.65 4.39
C ARG B 170 21.16 -1.66 4.92
N PRO B 171 22.44 -1.77 4.67
CA PRO B 171 23.35 -0.74 5.21
C PRO B 171 23.17 0.63 4.62
N VAL B 172 22.75 0.73 3.37
CA VAL B 172 22.43 1.98 2.75
C VAL B 172 21.16 2.55 3.41
N CYS B 173 20.14 1.76 3.68
CA CYS B 173 18.98 2.20 4.43
C CYS B 173 19.39 2.77 5.80
N LYS B 174 20.21 2.03 6.52
CA LYS B 174 20.56 2.42 7.90
C LYS B 174 21.39 3.68 7.90
N ASP B 175 22.28 3.81 6.91
CA ASP B 175 23.14 5.02 6.86
C ASP B 175 22.42 6.23 6.35
N SER B 176 21.15 6.13 5.93
CA SER B 176 20.44 7.29 5.41
C SER B 176 19.67 8.03 6.50
N THR B 177 19.68 7.51 7.72
CA THR B 177 18.83 8.05 8.80
C THR B 177 19.46 7.92 10.16
N ARG B 178 19.03 8.69 11.16
CA ARG B 178 19.42 8.46 12.54
C ARG B 178 18.44 7.53 13.24
N ILE B 179 17.30 7.24 12.60
CA ILE B 179 16.31 6.33 13.19
C ILE B 179 16.82 4.90 13.22
N ARG B 180 16.48 4.14 14.24
CA ARG B 180 16.85 2.74 14.33
C ARG B 180 15.97 1.91 13.39
N ILE B 181 16.60 1.29 12.38
CA ILE B 181 15.82 0.45 11.48
C ILE B 181 15.73 -0.97 12.00
N THR B 182 14.62 -1.67 11.78
CA THR B 182 14.49 -3.01 12.30
C THR B 182 14.32 -4.06 11.19
N ASP B 183 14.37 -5.35 11.51
CA ASP B 183 14.19 -6.39 10.52
C ASP B 183 12.74 -6.43 10.02
N ASN B 184 11.83 -5.73 10.66
CA ASN B 184 10.43 -5.60 10.22
C ASN B 184 10.21 -4.48 9.22
N MET B 185 11.24 -3.84 8.72
CA MET B 185 11.19 -2.75 7.76
C MET B 185 12.13 -3.09 6.62
N PHE B 186 11.82 -2.55 5.47
CA PHE B 186 12.79 -2.52 4.38
C PHE B 186 12.70 -1.14 3.72
N CYS B 187 13.73 -0.71 2.98
CA CYS B 187 13.62 0.56 2.32
C CYS B 187 13.79 0.42 0.79
N ALA B 188 13.20 1.42 0.15
CA ALA B 188 13.23 1.47 -1.31
C ALA B 188 13.32 2.90 -1.83
N GLY B 189 13.79 3.03 -3.05
CA GLY B 189 14.01 4.35 -3.63
C GLY B 189 15.31 4.38 -4.45
N TYR B 190 15.45 5.40 -5.29
CA TYR B 190 16.69 5.57 -6.03
C TYR B 190 17.73 6.38 -5.23
N LYS B 191 19.00 6.09 -5.49
CA LYS B 191 20.10 6.84 -4.87
C LYS B 191 20.31 8.13 -5.67
N PRO B 192 20.87 9.19 -5.11
CA PRO B 192 21.01 10.43 -5.88
C PRO B 192 21.78 10.17 -7.17
N ASP B 193 22.74 9.24 -7.11
CA ASP B 193 23.60 8.93 -8.25
C ASP B 193 22.87 8.18 -9.36
N GLU B 194 21.67 7.68 -9.08
CA GLU B 194 20.94 6.87 -10.05
C GLU B 194 20.11 7.70 -11.00
N GLY B 195 19.88 8.97 -10.65
CA GLY B 195 19.17 9.81 -11.60
C GLY B 195 17.66 9.77 -11.50
N LYS B 196 17.06 8.58 -11.64
CA LYS B 196 15.60 8.52 -11.48
C LYS B 196 15.20 8.84 -10.06
N ARG B 197 13.91 9.19 -9.86
CA ARG B 197 13.48 9.47 -8.49
C ARG B 197 12.06 8.97 -8.29
N GLY B 198 11.47 9.28 -7.15
CA GLY B 198 10.15 8.90 -6.76
C GLY B 198 10.07 8.36 -5.35
N ASP B 199 8.88 8.42 -4.78
CA ASP B 199 8.69 8.07 -3.37
C ASP B 199 7.20 8.10 -3.09
N ALA B 200 6.80 7.49 -1.98
CA ALA B 200 5.55 7.72 -1.32
C ALA B 200 5.59 9.09 -0.62
N CYS B 201 4.43 9.59 -0.28
CA CYS B 201 4.34 10.86 0.46
C CYS B 201 3.16 10.82 1.40
N GLU B 202 2.85 11.97 1.98
CA GLU B 202 1.70 12.08 2.87
C GLU B 202 0.40 11.62 2.19
N GLY B 203 -0.33 10.73 2.85
CA GLY B 203 -1.58 10.24 2.35
C GLY B 203 -1.47 8.88 1.66
N ASP B 204 -0.22 8.51 1.33
CA ASP B 204 0.07 7.21 0.73
C ASP B 204 0.30 6.13 1.79
N SER B 205 0.50 6.58 3.03
CA SER B 205 0.56 5.70 4.19
C SER B 205 -0.46 4.58 4.10
N GLY B 206 -0.07 3.35 4.40
CA GLY B 206 -0.90 2.20 4.45
C GLY B 206 -1.12 1.47 3.13
N GLY B 207 -0.72 2.10 2.05
CA GLY B 207 -0.88 1.48 0.74
C GLY B 207 0.19 0.43 0.54
N PRO B 208 0.01 -0.35 -0.54
CA PRO B 208 0.88 -1.52 -0.76
C PRO B 208 2.09 -1.21 -1.60
N PHE B 209 3.14 -1.97 -1.23
CA PHE B 209 4.33 -2.11 -2.05
C PHE B 209 4.22 -3.53 -2.62
N VAL B 210 4.05 -3.66 -3.94
CA VAL B 210 3.80 -4.98 -4.53
C VAL B 210 4.91 -5.34 -5.52
N MET B 211 5.09 -6.64 -5.72
CA MET B 211 6.03 -7.18 -6.69
C MET B 211 5.32 -8.28 -7.47
N LYS B 212 5.65 -8.47 -8.73
CA LYS B 212 5.07 -9.53 -9.55
C LYS B 212 6.01 -10.71 -9.62
N SER B 213 5.63 -11.85 -9.08
CA SER B 213 6.48 -13.03 -9.07
C SER B 213 6.75 -13.48 -10.53
N PRO B 214 8.01 -13.66 -10.86
CA PRO B 214 8.35 -14.18 -12.19
C PRO B 214 8.14 -15.69 -12.30
N PHE B 215 7.88 -16.34 -11.20
CA PHE B 215 7.67 -17.77 -11.12
C PHE B 215 6.24 -18.19 -11.36
N ASN B 216 5.28 -17.44 -10.80
CA ASN B 216 3.87 -17.81 -10.98
C ASN B 216 3.00 -16.66 -11.55
N ASN B 217 3.62 -15.53 -11.83
CA ASN B 217 3.03 -14.40 -12.51
C ASN B 217 1.92 -13.74 -11.70
N ARG B 218 1.91 -13.90 -10.39
CA ARG B 218 1.01 -13.24 -9.47
C ARG B 218 1.66 -12.08 -8.70
N TRP B 219 0.81 -11.10 -8.40
CA TRP B 219 1.27 -9.95 -7.60
C TRP B 219 1.19 -10.26 -6.11
N TYR B 220 2.26 -9.94 -5.41
CA TYR B 220 2.39 -10.09 -3.97
C TYR B 220 2.64 -8.75 -3.28
N GLN B 221 1.95 -8.57 -2.15
CA GLN B 221 2.22 -7.37 -1.36
C GLN B 221 3.35 -7.65 -0.39
N MET B 222 4.53 -7.12 -0.66
CA MET B 222 5.70 -7.31 0.15
C MET B 222 5.83 -6.25 1.27
N GLY B 223 5.25 -5.08 1.02
CA GLY B 223 5.44 -3.98 1.94
C GLY B 223 4.18 -3.19 2.17
N ILE B 224 4.19 -2.41 3.28
CA ILE B 224 3.19 -1.40 3.49
C ILE B 224 3.86 -0.04 3.64
N VAL B 225 3.37 0.97 2.94
CA VAL B 225 3.87 2.33 3.06
C VAL B 225 3.88 2.75 4.53
N SER B 226 5.09 3.04 5.06
CA SER B 226 5.14 3.34 6.48
C SER B 226 5.74 4.72 6.75
N TRP B 227 7.01 4.95 6.46
CA TRP B 227 7.58 6.26 6.82
C TRP B 227 8.71 6.70 5.92
N GLY B 228 8.92 8.02 5.88
CA GLY B 228 10.03 8.61 5.16
C GLY B 228 10.30 10.01 5.70
N GLU B 229 11.59 10.37 5.77
CA GLU B 229 11.93 11.72 6.20
C GLU B 229 11.71 12.69 5.06
N GLY B 230 10.57 13.38 5.09
CA GLY B 230 10.27 14.20 3.93
C GLY B 230 9.63 13.29 2.87
N CYS B 231 9.60 13.79 1.64
CA CYS B 231 9.13 12.99 0.52
C CYS B 231 10.08 13.17 -0.64
N ASP B 232 10.56 12.05 -1.19
CA ASP B 232 11.45 12.11 -2.35
C ASP B 232 12.67 13.01 -2.16
N ARG B 233 13.24 12.99 -0.97
CA ARG B 233 14.44 13.75 -0.69
C ARG B 233 15.68 12.99 -1.14
N ASP B 234 16.64 13.71 -1.69
CA ASP B 234 17.91 13.11 -2.05
C ASP B 234 18.58 12.58 -0.79
N GLY B 235 19.09 11.36 -0.94
CA GLY B 235 19.80 10.64 0.06
C GLY B 235 18.89 10.03 1.10
N LYS B 236 17.58 10.24 0.99
CA LYS B 236 16.63 9.62 1.93
CA LYS B 236 16.66 9.60 1.95
C LYS B 236 15.92 8.49 1.20
N TYR B 237 15.25 7.60 1.93
CA TYR B 237 14.54 6.50 1.29
C TYR B 237 13.17 6.33 1.93
N GLY B 238 12.26 5.65 1.20
CA GLY B 238 11.01 5.23 1.75
C GLY B 238 11.14 3.93 2.52
N PHE B 239 10.51 3.84 3.68
CA PHE B 239 10.49 2.70 4.57
C PHE B 239 9.09 2.08 4.61
N TYR B 240 9.09 0.77 4.47
CA TYR B 240 7.96 -0.09 4.31
C TYR B 240 7.95 -1.21 5.36
N THR B 241 6.77 -1.49 5.88
CA THR B 241 6.56 -2.60 6.78
C THR B 241 6.81 -3.90 6.02
N HIS B 242 7.65 -4.76 6.57
CA HIS B 242 7.96 -6.05 5.95
C HIS B 242 6.86 -7.04 6.22
N VAL B 243 5.99 -7.24 5.24
CA VAL B 243 4.77 -8.00 5.43
C VAL B 243 5.09 -9.45 5.79
N PHE B 244 6.06 -10.09 5.17
CA PHE B 244 6.25 -11.51 5.46
C PHE B 244 6.69 -11.67 6.92
N ARG B 245 7.45 -10.73 7.43
CA ARG B 245 7.97 -10.79 8.79
C ARG B 245 6.86 -10.74 9.80
N LEU B 246 5.70 -10.20 9.44
CA LEU B 246 4.59 -10.09 10.35
C LEU B 246 3.46 -11.02 9.99
N LYS B 247 3.78 -11.96 9.10
CA LYS B 247 2.75 -12.84 8.56
C LYS B 247 2.12 -13.71 9.66
N LYS B 248 2.91 -14.15 10.62
CA LYS B 248 2.40 -14.95 11.74
C LYS B 248 1.25 -14.24 12.46
N TRP B 249 1.45 -12.97 12.78
CA TRP B 249 0.41 -12.18 13.38
C TRP B 249 -0.81 -12.03 12.48
N ILE B 250 -0.61 -11.80 11.19
CA ILE B 250 -1.73 -11.68 10.26
C ILE B 250 -2.63 -12.91 10.27
N GLN B 251 -1.95 -14.04 10.23
CA GLN B 251 -2.69 -15.29 10.05
C GLN B 251 -3.44 -15.59 11.35
N LYS B 252 -2.76 -15.29 12.45
CA LYS B 252 -3.37 -15.61 13.75
C LYS B 252 -4.64 -14.80 13.90
N VAL B 253 -4.58 -13.54 13.48
CA VAL B 253 -5.74 -12.68 13.55
C VAL B 253 -6.88 -13.18 12.67
N ILE B 254 -6.53 -13.51 11.42
CA ILE B 254 -7.57 -13.93 10.48
C ILE B 254 -8.14 -15.27 10.92
N ASP B 255 -7.26 -16.14 11.39
CA ASP B 255 -7.69 -17.43 11.92
C ASP B 255 -8.34 -17.31 13.29
N GLY C 1 -14.63 17.01 1.52
CA GLY C 1 -14.46 18.45 1.30
C GLY C 1 -14.27 18.75 -0.19
N ASP C 2 -13.12 18.41 -0.75
CA ASP C 2 -12.82 18.46 -2.18
C ASP C 2 -13.42 17.24 -2.86
N PHE C 3 -13.94 16.40 -1.99
CA PHE C 3 -14.53 15.09 -2.16
C PHE C 3 -16.00 15.20 -2.54
N GLU C 4 -16.29 14.64 -3.72
CA GLU C 4 -17.67 14.56 -4.13
C GLU C 4 -18.38 13.73 -3.05
N GLU C 5 -19.61 14.13 -2.80
CA GLU C 5 -20.52 13.55 -1.85
C GLU C 5 -20.81 12.09 -2.08
N ILE C 6 -20.76 11.29 -0.99
CA ILE C 6 -21.14 9.90 -1.22
C ILE C 6 -22.61 9.73 -0.88
N PRO C 7 -23.21 8.67 -1.39
CA PRO C 7 -24.61 8.40 -1.03
C PRO C 7 -24.75 8.33 0.48
N GLU C 8 -25.90 8.78 0.97
CA GLU C 8 -26.22 8.93 2.36
C GLU C 8 -26.23 7.57 3.05
N GLU C 9 -26.57 6.61 2.18
CA GLU C 9 -26.67 5.23 2.65
C GLU C 9 -25.41 4.77 3.40
#